data_6R7T
#
_entry.id   6R7T
#
_cell.length_a   61.976
_cell.length_b   61.976
_cell.length_c   361.001
_cell.angle_alpha   90.00
_cell.angle_beta   90.00
_cell.angle_gamma   120.00
#
_symmetry.space_group_name_H-M   'P 61 2 2'
#
loop_
_entity.id
_entity.type
_entity.pdbx_description
1 polymer 'anti MAGEB1 nanobody'
2 polymer 'Melanoma-associated antigen B1'
3 water water
#
loop_
_entity_poly.entity_id
_entity_poly.type
_entity_poly.pdbx_seq_one_letter_code
_entity_poly.pdbx_strand_id
1 'polypeptide(L)'
;QVQLQESGGGLVQPGGSLRLSCAASGFTFSTYAMSWFRQAPGKGLEWVASINSSGGGIQSYADSVKGRFTISRDNAKNTL
YLQMNSLEPEDTAVYYCAAAAWRVGTYDYRGQGTQVTVSSSKG
;
A
2 'polypeptide(L)'
;SMSTESSVKDPVAWEAGMLMHFILRKYKMREPIMKADMLKVVDEKYKEYFTEILNGASRRLELVFGLDLKEDNPSGHTYT
LVSKLNLTNDGNLSNDWDFPRNGLLMPLLGVIFLKGNSATEEEIWKFMNVLGAYDGEEHLIYGEPRKFITQDLVQEKYLK
YEQVPNSDPPRYQFLWGPRAYAETTKMKVLEFLAKMNGATPRDFPSHYEEALRDEEERAQVRSSVRARRRTTATTFRARS
RAPFSRSSHPM
;
B
#
# COMPACT_ATOMS: atom_id res chain seq x y z
N GLN A 1 10.93 12.08 -17.20
CA GLN A 1 10.87 10.91 -18.04
C GLN A 1 9.50 10.27 -18.02
N VAL A 2 9.13 9.75 -16.84
CA VAL A 2 7.81 9.14 -16.65
C VAL A 2 6.73 10.22 -16.66
N GLN A 3 5.57 9.88 -17.20
CA GLN A 3 4.45 10.80 -17.18
C GLN A 3 3.13 10.04 -17.17
N LEU A 4 2.19 10.53 -16.35
CA LEU A 4 0.80 10.08 -16.32
C LEU A 4 -0.05 11.29 -16.65
N GLN A 5 -0.76 11.24 -17.77
CA GLN A 5 -1.56 12.36 -18.24
C GLN A 5 -3.03 11.96 -18.22
N GLU A 6 -3.80 12.59 -17.34
CA GLU A 6 -5.24 12.36 -17.27
C GLU A 6 -5.98 13.32 -18.21
N SER A 7 -7.13 12.86 -18.70
CA SER A 7 -7.92 13.63 -19.65
C SER A 7 -9.35 13.11 -19.64
N GLY A 8 -10.26 13.94 -20.14
CA GLY A 8 -11.66 13.59 -20.23
C GLY A 8 -12.58 14.26 -19.22
N GLY A 9 -12.05 15.13 -18.35
CA GLY A 9 -12.88 15.75 -17.35
C GLY A 9 -13.66 16.95 -17.86
N GLY A 10 -14.70 17.31 -17.12
CA GLY A 10 -15.54 18.43 -17.50
C GLY A 10 -16.84 18.43 -16.73
N LEU A 11 -17.78 19.25 -17.20
CA LEU A 11 -19.11 19.32 -16.62
C LEU A 11 -20.00 18.22 -17.19
N VAL A 12 -20.84 17.64 -16.34
CA VAL A 12 -21.70 16.52 -16.72
C VAL A 12 -22.94 16.54 -15.84
N GLN A 13 -24.10 16.29 -16.46
CA GLN A 13 -25.36 16.30 -15.74
C GLN A 13 -25.50 15.04 -14.89
N PRO A 14 -26.09 15.15 -13.70
CA PRO A 14 -26.21 13.97 -12.83
C PRO A 14 -26.98 12.84 -13.50
N GLY A 15 -26.55 11.61 -13.24
CA GLY A 15 -27.08 10.45 -13.92
C GLY A 15 -26.45 10.14 -15.26
N GLY A 16 -25.56 11.00 -15.76
CA GLY A 16 -24.89 10.78 -17.02
C GLY A 16 -23.60 10.02 -16.86
N SER A 17 -22.95 9.76 -17.99
CA SER A 17 -21.71 8.99 -18.02
C SER A 17 -20.56 9.86 -18.51
N LEU A 18 -19.34 9.38 -18.25
CA LEU A 18 -18.13 10.08 -18.62
C LEU A 18 -16.96 9.10 -18.51
N ARG A 19 -16.08 9.11 -19.51
CA ARG A 19 -14.92 8.23 -19.52
CA ARG A 19 -14.92 8.23 -19.52
C ARG A 19 -13.66 9.06 -19.31
N LEU A 20 -12.91 8.74 -18.26
CA LEU A 20 -11.63 9.37 -17.99
C LEU A 20 -10.52 8.47 -18.50
N SER A 21 -9.51 9.07 -19.13
CA SER A 21 -8.37 8.34 -19.65
C SER A 21 -7.08 8.84 -19.01
N CYS A 22 -6.11 7.94 -18.89
CA CYS A 22 -4.80 8.25 -18.32
C CYS A 22 -3.75 7.60 -19.22
N ALA A 23 -3.01 8.43 -19.96
CA ALA A 23 -1.94 7.96 -20.83
C ALA A 23 -0.64 7.89 -20.05
N ALA A 24 0.06 6.76 -20.16
CA ALA A 24 1.24 6.48 -19.36
C ALA A 24 2.45 6.32 -20.28
N SER A 25 3.52 7.05 -19.97
CA SER A 25 4.74 6.97 -20.76
C SER A 25 5.95 6.96 -19.83
N GLY A 26 7.06 6.41 -20.32
CA GLY A 26 8.29 6.42 -19.59
C GLY A 26 8.51 5.26 -18.64
N PHE A 27 7.64 4.25 -18.65
CA PHE A 27 7.81 3.07 -17.81
C PHE A 27 6.96 1.96 -18.39
N THR A 28 7.24 0.73 -17.93
CA THR A 28 6.53 -0.45 -18.43
C THR A 28 5.15 -0.47 -17.79
N PHE A 29 4.17 0.07 -18.52
CA PHE A 29 2.81 0.21 -17.99
C PHE A 29 2.21 -1.13 -17.56
N SER A 30 2.44 -2.18 -18.36
CA SER A 30 1.84 -3.47 -18.07
C SER A 30 2.31 -4.06 -16.75
N THR A 31 3.39 -3.54 -16.17
CA THR A 31 3.97 -4.09 -14.96
C THR A 31 3.29 -3.59 -13.69
N TYR A 32 2.84 -2.34 -13.67
CA TYR A 32 2.31 -1.72 -12.46
C TYR A 32 0.82 -1.93 -12.33
N ALA A 33 0.37 -2.19 -11.10
CA ALA A 33 -1.04 -2.06 -10.78
C ALA A 33 -1.40 -0.57 -10.75
N MET A 34 -2.57 -0.23 -11.26
CA MET A 34 -2.95 1.16 -11.44
C MET A 34 -4.15 1.50 -10.55
N SER A 35 -4.29 2.78 -10.24
CA SER A 35 -5.34 3.25 -9.36
C SER A 35 -5.86 4.60 -9.83
N TRP A 36 -7.13 4.85 -9.56
CA TRP A 36 -7.75 6.16 -9.66
C TRP A 36 -8.04 6.65 -8.26
N PHE A 37 -7.62 7.88 -7.97
CA PHE A 37 -7.97 8.63 -6.77
C PHE A 37 -8.80 9.84 -7.17
N ARG A 38 -9.38 10.49 -6.17
CA ARG A 38 -10.06 11.75 -6.43
C ARG A 38 -10.00 12.63 -5.18
N GLN A 39 -10.05 13.94 -5.40
CA GLN A 39 -10.07 14.94 -4.34
C GLN A 39 -11.24 15.88 -4.60
N ALA A 40 -12.23 15.83 -3.72
CA ALA A 40 -13.43 16.66 -3.73
C ALA A 40 -13.14 18.03 -3.13
N PRO A 41 -13.95 19.03 -3.44
CA PRO A 41 -13.72 20.37 -2.86
C PRO A 41 -13.72 20.35 -1.33
N GLY A 42 -12.63 20.82 -0.74
CA GLY A 42 -12.54 20.91 0.70
C GLY A 42 -12.46 19.59 1.42
N LYS A 43 -12.10 18.51 0.74
CA LYS A 43 -11.94 17.20 1.34
C LYS A 43 -10.56 16.66 1.02
N GLY A 44 -10.22 15.52 1.64
CA GLY A 44 -8.95 14.89 1.42
C GLY A 44 -8.95 13.99 0.20
N LEU A 45 -7.79 13.38 -0.07
CA LEU A 45 -7.67 12.43 -1.16
C LEU A 45 -8.46 11.17 -0.84
N GLU A 46 -9.13 10.64 -1.85
CA GLU A 46 -9.98 9.46 -1.69
C GLU A 46 -9.63 8.44 -2.76
N TRP A 47 -9.31 7.22 -2.34
CA TRP A 47 -9.07 6.15 -3.30
C TRP A 47 -10.37 5.77 -3.98
N VAL A 48 -10.36 5.77 -5.31
CA VAL A 48 -11.54 5.43 -6.10
C VAL A 48 -11.52 3.98 -6.54
N ALA A 49 -10.46 3.56 -7.23
CA ALA A 49 -10.44 2.20 -7.77
C ALA A 49 -9.01 1.75 -8.02
N SER A 50 -8.86 0.44 -8.15
CA SER A 50 -7.55 -0.15 -8.44
C SER A 50 -7.73 -1.38 -9.31
N ILE A 51 -6.72 -1.64 -10.15
CA ILE A 51 -6.70 -2.78 -11.06
C ILE A 51 -5.29 -3.34 -11.09
N ASN A 52 -5.19 -4.65 -11.19
CA ASN A 52 -3.90 -5.33 -11.10
C ASN A 52 -3.18 -5.31 -12.45
N SER A 53 -1.92 -5.71 -12.41
CA SER A 53 -1.11 -5.88 -13.61
C SER A 53 -1.29 -7.29 -14.16
N SER A 54 -0.68 -7.53 -15.33
CA SER A 54 -0.60 -8.85 -15.93
C SER A 54 -1.99 -9.46 -16.16
N GLY A 55 -2.75 -8.81 -17.06
CA GLY A 55 -4.05 -9.27 -17.47
C GLY A 55 -5.19 -8.37 -17.02
N GLY A 56 -5.00 -7.65 -15.92
CA GLY A 56 -6.02 -6.73 -15.44
C GLY A 56 -7.34 -7.39 -15.10
N GLY A 57 -7.31 -8.59 -14.54
CA GLY A 57 -8.52 -9.31 -14.20
C GLY A 57 -9.01 -9.15 -12.79
N ILE A 58 -8.39 -8.27 -12.00
CA ILE A 58 -8.78 -8.03 -10.62
C ILE A 58 -9.03 -6.53 -10.46
N GLN A 59 -10.29 -6.16 -10.25
CA GLN A 59 -10.65 -4.77 -9.98
C GLN A 59 -11.14 -4.63 -8.53
N SER A 60 -10.93 -3.45 -7.97
CA SER A 60 -11.37 -3.13 -6.63
C SER A 60 -11.88 -1.70 -6.62
N TYR A 61 -12.97 -1.46 -5.87
CA TYR A 61 -13.64 -0.16 -5.89
C TYR A 61 -13.98 0.27 -4.48
N ALA A 62 -14.05 1.59 -4.29
CA ALA A 62 -14.64 2.13 -3.07
C ALA A 62 -16.14 1.84 -3.06
N ASP A 63 -16.72 1.80 -1.86
CA ASP A 63 -18.15 1.55 -1.76
C ASP A 63 -18.96 2.66 -2.42
N SER A 64 -18.44 3.89 -2.40
CA SER A 64 -19.18 5.02 -2.95
C SER A 64 -19.46 4.86 -4.43
N VAL A 65 -18.63 4.09 -5.14
CA VAL A 65 -18.68 4.00 -6.59
C VAL A 65 -18.88 2.58 -7.10
N LYS A 66 -19.09 1.61 -6.22
CA LYS A 66 -18.88 0.19 -6.56
C LYS A 66 -19.71 -0.24 -7.76
N GLY A 67 -20.98 0.14 -7.81
CA GLY A 67 -21.85 -0.28 -8.88
C GLY A 67 -21.86 0.58 -10.11
N ARG A 68 -21.16 1.72 -10.08
CA ARG A 68 -21.29 2.73 -11.12
C ARG A 68 -20.00 3.00 -11.88
N PHE A 69 -18.82 2.88 -11.25
CA PHE A 69 -17.56 3.11 -11.92
C PHE A 69 -16.94 1.80 -12.35
N THR A 70 -16.16 1.85 -13.43
CA THR A 70 -15.52 0.68 -14.01
C THR A 70 -14.11 1.06 -14.43
N ILE A 71 -13.12 0.45 -13.81
CA ILE A 71 -11.73 0.69 -14.16
C ILE A 71 -11.29 -0.38 -15.16
N SER A 72 -10.50 0.04 -16.15
CA SER A 72 -10.00 -0.88 -17.16
C SER A 72 -8.69 -0.35 -17.69
N ARG A 73 -8.02 -1.17 -18.51
CA ARG A 73 -6.73 -0.80 -19.03
C ARG A 73 -6.52 -1.41 -20.40
N ASP A 74 -5.78 -0.69 -21.24
CA ASP A 74 -5.30 -1.19 -22.52
C ASP A 74 -3.77 -1.15 -22.46
N ASN A 75 -3.16 -2.32 -22.31
CA ASN A 75 -1.70 -2.38 -22.26
C ASN A 75 -1.07 -2.06 -23.60
N ALA A 76 -1.76 -2.38 -24.70
CA ALA A 76 -1.22 -2.06 -26.02
C ALA A 76 -1.19 -0.56 -26.27
N LYS A 77 -2.08 0.20 -25.63
CA LYS A 77 -2.10 1.65 -25.74
C LYS A 77 -1.49 2.32 -24.51
N ASN A 78 -1.08 1.55 -23.51
CA ASN A 78 -0.54 2.09 -22.26
C ASN A 78 -1.51 3.10 -21.65
N THR A 79 -2.79 2.74 -21.62
CA THR A 79 -3.83 3.67 -21.19
C THR A 79 -4.69 3.04 -20.11
N LEU A 80 -5.10 3.86 -19.15
CA LEU A 80 -6.02 3.46 -18.10
C LEU A 80 -7.33 4.21 -18.28
N TYR A 81 -8.44 3.56 -17.93
CA TYR A 81 -9.77 4.13 -18.15
C TYR A 81 -10.62 3.99 -16.89
N LEU A 82 -11.36 5.05 -16.59
CA LEU A 82 -12.37 5.05 -15.53
C LEU A 82 -13.69 5.46 -16.16
N GLN A 83 -14.59 4.48 -16.33
CA GLN A 83 -15.92 4.73 -16.87
C GLN A 83 -16.85 5.06 -15.71
N MET A 84 -17.51 6.21 -15.78
CA MET A 84 -18.32 6.73 -14.69
C MET A 84 -19.76 6.85 -15.16
N ASN A 85 -20.62 5.98 -14.64
CA ASN A 85 -22.05 5.99 -14.95
C ASN A 85 -22.84 6.38 -13.70
N SER A 86 -24.08 6.79 -13.93
CA SER A 86 -25.00 7.18 -12.85
C SER A 86 -24.33 8.19 -11.91
N LEU A 87 -23.69 9.19 -12.52
CA LEU A 87 -22.92 10.17 -11.77
C LEU A 87 -23.81 10.96 -10.82
N GLU A 88 -23.19 11.44 -9.75
CA GLU A 88 -23.85 12.17 -8.67
C GLU A 88 -23.01 13.39 -8.31
N PRO A 89 -23.62 14.41 -7.71
CA PRO A 89 -22.84 15.59 -7.32
C PRO A 89 -21.69 15.29 -6.36
N GLU A 90 -21.81 14.24 -5.56
CA GLU A 90 -20.69 13.81 -4.72
C GLU A 90 -19.45 13.52 -5.58
N ASP A 91 -19.66 12.97 -6.77
CA ASP A 91 -18.56 12.62 -7.67
C ASP A 91 -17.83 13.83 -8.23
N THR A 92 -18.25 15.05 -7.89
CA THR A 92 -17.52 16.24 -8.29
C THR A 92 -16.18 16.28 -7.56
N ALA A 93 -15.10 16.23 -8.34
CA ALA A 93 -13.76 16.18 -7.76
C ALA A 93 -12.73 16.28 -8.88
N VAL A 94 -11.48 16.53 -8.48
CA VAL A 94 -10.35 16.32 -9.38
C VAL A 94 -9.98 14.85 -9.32
N TYR A 95 -9.82 14.23 -10.48
CA TYR A 95 -9.52 12.80 -10.56
C TYR A 95 -8.07 12.60 -10.97
N TYR A 96 -7.34 11.81 -10.17
CA TYR A 96 -5.93 11.55 -10.38
C TYR A 96 -5.71 10.08 -10.73
N CYS A 97 -4.66 9.85 -11.50
CA CYS A 97 -4.25 8.50 -11.92
C CYS A 97 -2.88 8.21 -11.33
N ALA A 98 -2.70 7.00 -10.81
CA ALA A 98 -1.50 6.72 -10.02
C ALA A 98 -1.07 5.27 -10.18
N ALA A 99 0.23 5.07 -10.39
CA ALA A 99 0.81 3.74 -10.50
C ALA A 99 1.20 3.23 -9.12
N ALA A 100 0.70 2.04 -8.76
CA ALA A 100 1.02 1.47 -7.46
C ALA A 100 2.47 1.03 -7.40
N ALA A 101 3.12 1.33 -6.27
CA ALA A 101 4.51 0.95 -6.07
C ALA A 101 4.62 -0.53 -5.71
N TRP A 102 5.84 -1.05 -5.82
CA TRP A 102 6.08 -2.45 -5.46
C TRP A 102 5.75 -2.68 -3.99
N ARG A 103 6.13 -1.75 -3.12
CA ARG A 103 5.72 -1.77 -1.72
C ARG A 103 4.24 -1.37 -1.67
N VAL A 104 3.36 -2.37 -1.59
CA VAL A 104 1.93 -2.12 -1.67
C VAL A 104 1.50 -1.18 -0.54
N GLY A 105 0.56 -0.30 -0.87
CA GLY A 105 0.15 0.75 0.03
C GLY A 105 0.76 2.10 -0.28
N THR A 106 1.72 2.17 -1.20
CA THR A 106 2.34 3.42 -1.62
C THR A 106 2.30 3.48 -3.14
N TYR A 107 2.70 4.63 -3.68
CA TYR A 107 2.58 4.88 -5.10
C TYR A 107 3.82 5.60 -5.62
N ASP A 108 4.30 5.15 -6.78
CA ASP A 108 5.51 5.69 -7.39
C ASP A 108 5.23 6.94 -8.23
N TYR A 109 4.18 6.91 -9.04
CA TYR A 109 3.89 8.00 -9.96
C TYR A 109 2.41 8.38 -9.85
N ARG A 110 2.15 9.67 -10.03
CA ARG A 110 0.78 10.19 -10.09
C ARG A 110 0.71 11.29 -11.14
N GLY A 111 -0.45 11.40 -11.77
CA GLY A 111 -0.67 12.41 -12.79
C GLY A 111 -1.03 13.76 -12.20
N GLN A 112 -1.39 14.68 -13.10
CA GLN A 112 -1.81 16.02 -12.70
C GLN A 112 -3.31 16.12 -12.46
N GLY A 113 -4.09 15.15 -12.95
CA GLY A 113 -5.51 15.10 -12.68
C GLY A 113 -6.34 15.86 -13.70
N THR A 114 -7.63 15.51 -13.73
CA THR A 114 -8.60 16.20 -14.57
C THR A 114 -9.87 16.44 -13.75
N GLN A 115 -10.49 17.61 -13.95
CA GLN A 115 -11.60 18.03 -13.11
C GLN A 115 -12.92 17.50 -13.66
N VAL A 116 -13.67 16.81 -12.81
CA VAL A 116 -15.00 16.32 -13.14
C VAL A 116 -16.00 17.05 -12.25
N THR A 117 -16.93 17.77 -12.87
CA THR A 117 -17.95 18.54 -12.16
C THR A 117 -19.31 17.98 -12.52
N VAL A 118 -20.04 17.50 -11.52
CA VAL A 118 -21.37 16.95 -11.70
C VAL A 118 -22.36 17.96 -11.16
N SER A 119 -23.10 18.62 -12.05
CA SER A 119 -24.06 19.65 -11.68
C SER A 119 -25.06 19.80 -12.81
N SER A 120 -26.31 20.09 -12.45
CA SER A 120 -27.37 20.29 -13.43
C SER A 120 -27.46 21.75 -13.82
N SER A 121 -27.72 22.00 -15.11
CA SER A 121 -27.95 23.36 -15.57
C SER A 121 -29.31 23.89 -15.15
N LYS A 122 -30.25 23.00 -14.84
CA LYS A 122 -31.57 23.38 -14.34
C LYS A 122 -32.10 22.24 -13.51
N GLY A 123 -32.34 22.50 -12.23
CA GLY A 123 -32.84 21.47 -11.33
C GLY A 123 -32.80 21.90 -9.87
N ASP B 10 16.74 -16.06 22.11
CA ASP B 10 17.38 -15.33 21.02
C ASP B 10 17.58 -13.86 21.41
N PRO B 11 18.54 -13.61 22.30
CA PRO B 11 18.74 -12.25 22.81
C PRO B 11 19.29 -11.28 21.79
N VAL B 12 19.95 -11.76 20.74
CA VAL B 12 20.57 -10.85 19.78
C VAL B 12 19.54 -10.26 18.82
N ALA B 13 18.52 -11.03 18.43
CA ALA B 13 17.45 -10.46 17.63
C ALA B 13 16.71 -9.37 18.40
N TRP B 14 16.41 -9.63 19.68
CA TRP B 14 15.81 -8.62 20.53
C TRP B 14 16.72 -7.42 20.73
N GLU B 15 18.03 -7.66 20.78
CA GLU B 15 18.99 -6.56 20.90
C GLU B 15 18.96 -5.68 19.65
N ALA B 16 18.95 -6.30 18.48
CA ALA B 16 18.81 -5.54 17.24
C ALA B 16 17.50 -4.78 17.19
N GLY B 17 16.43 -5.37 17.73
CA GLY B 17 15.16 -4.65 17.79
C GLY B 17 15.22 -3.42 18.68
N MET B 18 15.86 -3.54 19.84
CA MET B 18 16.00 -2.38 20.71
C MET B 18 16.89 -1.32 20.08
N LEU B 19 17.96 -1.73 19.40
CA LEU B 19 18.80 -0.77 18.68
C LEU B 19 18.01 -0.08 17.58
N MET B 20 17.12 -0.80 16.92
CA MET B 20 16.27 -0.22 15.88
C MET B 20 15.31 0.80 16.48
N HIS B 21 14.70 0.47 17.62
CA HIS B 21 13.87 1.44 18.32
C HIS B 21 14.65 2.70 18.66
N PHE B 22 15.89 2.53 19.14
CA PHE B 22 16.73 3.68 19.48
C PHE B 22 17.00 4.54 18.25
N ILE B 23 17.37 3.90 17.14
CA ILE B 23 17.65 4.65 15.92
C ILE B 23 16.40 5.36 15.42
N LEU B 24 15.23 4.73 15.57
CA LEU B 24 13.99 5.38 15.14
C LEU B 24 13.69 6.61 15.99
N ARG B 25 13.86 6.49 17.31
CA ARG B 25 13.67 7.65 18.19
C ARG B 25 14.64 8.76 17.83
N LYS B 26 15.89 8.41 17.48
CA LYS B 26 16.87 9.41 17.10
C LYS B 26 16.54 10.04 15.75
N TYR B 27 15.94 9.29 14.84
CA TYR B 27 15.65 9.79 13.51
C TYR B 27 14.45 10.72 13.53
N LYS B 28 13.36 10.29 14.18
CA LYS B 28 12.15 11.11 14.24
C LYS B 28 12.44 12.49 14.83
N MET B 29 13.00 12.51 16.03
CA MET B 29 13.47 13.75 16.62
C MET B 29 14.70 14.26 15.87
N ARG B 30 14.99 15.55 16.02
CA ARG B 30 16.09 16.19 15.29
C ARG B 30 17.46 15.90 15.90
N GLU B 31 17.66 14.69 16.41
CA GLU B 31 18.86 14.28 17.11
C GLU B 31 19.80 13.49 16.20
N PRO B 32 21.11 13.58 16.41
CA PRO B 32 22.07 12.91 15.53
C PRO B 32 22.14 11.41 15.84
N ILE B 33 23.01 10.73 15.11
CA ILE B 33 23.20 9.28 15.27
C ILE B 33 24.63 8.90 14.95
N MET B 34 25.44 8.69 15.98
CA MET B 34 26.81 8.26 15.82
C MET B 34 27.00 6.88 16.45
N LYS B 35 28.10 6.22 16.06
CA LYS B 35 28.33 4.85 16.49
C LYS B 35 28.56 4.77 18.00
N ALA B 36 29.41 5.65 18.53
CA ALA B 36 29.73 5.62 19.95
C ALA B 36 28.50 5.93 20.80
N ASP B 37 27.54 6.67 20.26
CA ASP B 37 26.33 6.98 21.01
C ASP B 37 25.51 5.71 21.27
N MET B 38 25.34 4.88 20.25
CA MET B 38 24.57 3.65 20.39
C MET B 38 25.40 2.47 20.86
N LEU B 39 26.72 2.64 20.99
CA LEU B 39 27.55 1.55 21.50
C LEU B 39 27.21 1.21 22.94
N LYS B 40 27.13 2.23 23.80
CA LYS B 40 26.94 2.00 25.23
C LYS B 40 25.51 1.60 25.57
N VAL B 41 24.52 2.04 24.78
CA VAL B 41 23.13 1.76 25.09
C VAL B 41 22.81 0.29 24.88
N PHE B 50 28.69 -7.45 18.01
CA PHE B 50 28.03 -6.15 17.84
C PHE B 50 27.65 -5.89 16.38
N THR B 51 28.62 -6.08 15.48
CA THR B 51 28.40 -5.78 14.06
C THR B 51 27.18 -6.50 13.52
N GLU B 52 26.97 -7.74 13.95
CA GLU B 52 25.75 -8.46 13.58
C GLU B 52 24.51 -7.72 14.06
N ILE B 53 24.57 -7.13 15.26
CA ILE B 53 23.40 -6.47 15.82
C ILE B 53 23.09 -5.19 15.07
N LEU B 54 24.12 -4.40 14.75
CA LEU B 54 23.87 -3.18 13.97
C LEU B 54 23.42 -3.51 12.56
N ASN B 55 23.95 -4.57 11.95
CA ASN B 55 23.47 -4.98 10.64
C ASN B 55 22.03 -5.44 10.70
N GLY B 56 21.63 -6.12 11.78
CA GLY B 56 20.23 -6.50 11.93
C GLY B 56 19.33 -5.30 12.09
N ALA B 57 19.76 -4.32 12.89
CA ALA B 57 19.01 -3.08 13.02
C ALA B 57 18.88 -2.36 11.69
N SER B 58 19.95 -2.39 10.90
CA SER B 58 19.93 -1.75 9.58
C SER B 58 18.96 -2.46 8.65
N ARG B 59 18.97 -3.79 8.63
CA ARG B 59 18.04 -4.52 7.78
C ARG B 59 16.59 -4.26 8.20
N ARG B 60 16.35 -4.22 9.51
CA ARG B 60 14.99 -3.93 10.00
C ARG B 60 14.55 -2.54 9.57
N LEU B 61 15.43 -1.55 9.69
CA LEU B 61 15.08 -0.19 9.28
C LEU B 61 14.87 -0.11 7.78
N GLU B 62 15.67 -0.84 7.00
CA GLU B 62 15.60 -0.75 5.55
C GLU B 62 14.37 -1.46 5.00
N LEU B 63 13.91 -2.50 5.69
CA LEU B 63 12.77 -3.26 5.16
C LEU B 63 11.44 -2.78 5.73
N VAL B 64 11.36 -2.62 7.05
CA VAL B 64 10.09 -2.26 7.67
C VAL B 64 9.74 -0.80 7.41
N PHE B 65 10.73 0.09 7.47
CA PHE B 65 10.48 1.52 7.35
C PHE B 65 11.17 2.17 6.15
N GLY B 66 11.99 1.43 5.41
CA GLY B 66 12.64 2.03 4.25
C GLY B 66 13.70 3.04 4.61
N LEU B 67 14.46 2.77 5.68
CA LEU B 67 15.55 3.63 6.13
C LEU B 67 16.87 2.92 5.84
N ASP B 68 17.66 3.48 4.91
CA ASP B 68 18.82 2.78 4.38
C ASP B 68 19.94 2.67 5.41
N LEU B 69 20.84 3.65 5.41
CA LEU B 69 22.03 3.60 6.25
C LEU B 69 21.65 3.45 7.72
N LYS B 70 22.52 2.80 8.49
CA LYS B 70 22.27 2.52 9.90
C LYS B 70 21.93 3.77 10.71
N THR B 78 29.81 8.33 13.10
CA THR B 78 28.66 9.14 12.72
C THR B 78 27.97 8.57 11.48
N TYR B 79 26.65 8.47 11.53
CA TYR B 79 25.84 7.91 10.46
C TYR B 79 24.82 8.94 9.98
N THR B 80 24.23 8.67 8.83
CA THR B 80 23.25 9.56 8.20
C THR B 80 22.15 8.71 7.58
N LEU B 81 20.92 8.85 8.08
CA LEU B 81 19.81 8.05 7.61
C LEU B 81 19.15 8.70 6.39
N VAL B 82 18.86 7.87 5.39
CA VAL B 82 18.15 8.31 4.19
C VAL B 82 16.97 7.38 3.98
N SER B 83 15.82 7.96 3.65
CA SER B 83 14.55 7.24 3.66
C SER B 83 14.03 7.02 2.24
N LYS B 84 12.89 6.34 2.16
CA LYS B 84 12.19 6.09 0.90
C LYS B 84 10.74 6.46 1.10
N LEU B 85 10.31 7.55 0.47
CA LEU B 85 8.97 8.11 0.66
C LEU B 85 8.72 8.42 2.13
N ASN B 86 7.87 7.64 2.78
CA ASN B 86 7.49 7.86 4.19
C ASN B 86 7.03 9.30 4.43
N TRP B 97 0.35 12.95 -0.69
CA TRP B 97 0.51 11.71 -1.44
C TRP B 97 1.50 10.78 -0.76
N ASP B 98 1.82 11.08 0.48
CA ASP B 98 2.70 10.27 1.30
C ASP B 98 1.87 9.51 2.32
N PHE B 99 1.98 8.18 2.29
CA PHE B 99 1.26 7.30 3.21
C PHE B 99 2.28 6.52 4.05
N PRO B 100 2.99 7.21 4.96
CA PRO B 100 4.07 6.52 5.68
C PRO B 100 3.59 5.35 6.52
N ARG B 101 2.45 5.51 7.20
CA ARG B 101 1.92 4.41 8.00
C ARG B 101 1.59 3.19 7.15
N ASN B 102 1.25 3.40 5.87
CA ASN B 102 0.98 2.30 4.96
C ASN B 102 2.20 1.42 4.74
N GLY B 103 3.38 1.86 5.20
CA GLY B 103 4.54 0.97 5.19
C GLY B 103 4.29 -0.29 5.99
N LEU B 104 3.41 -0.21 6.99
CA LEU B 104 3.05 -1.39 7.78
C LEU B 104 2.30 -2.43 6.96
N LEU B 105 1.71 -2.03 5.83
CA LEU B 105 0.74 -2.89 5.15
C LEU B 105 1.37 -4.18 4.64
N MET B 106 2.40 -4.07 3.80
CA MET B 106 3.00 -5.26 3.19
C MET B 106 3.55 -6.24 4.21
N PRO B 107 4.15 -5.84 5.33
CA PRO B 107 4.42 -6.81 6.41
C PRO B 107 3.18 -7.57 6.85
N LEU B 108 2.08 -6.87 7.13
CA LEU B 108 0.86 -7.53 7.57
C LEU B 108 0.36 -8.51 6.52
N LEU B 109 0.17 -8.03 5.28
CA LEU B 109 -0.18 -8.90 4.17
C LEU B 109 0.75 -10.10 4.10
N GLY B 110 2.01 -9.93 4.51
CA GLY B 110 2.92 -11.05 4.56
C GLY B 110 2.51 -12.09 5.58
N VAL B 111 2.35 -11.69 6.84
CA VAL B 111 2.07 -12.66 7.90
C VAL B 111 0.72 -13.34 7.65
N ILE B 112 -0.28 -12.58 7.21
CA ILE B 112 -1.54 -13.19 6.78
C ILE B 112 -1.28 -14.26 5.73
N PHE B 113 -0.47 -13.96 4.72
CA PHE B 113 -0.15 -14.96 3.72
C PHE B 113 0.70 -16.09 4.30
N LEU B 114 1.46 -15.81 5.36
CA LEU B 114 2.26 -16.86 5.97
C LEU B 114 1.37 -17.90 6.63
N LYS B 115 0.38 -17.46 7.40
CA LYS B 115 -0.55 -18.36 8.08
C LYS B 115 -1.72 -18.74 7.17
N GLY B 116 -1.41 -19.14 5.95
CA GLY B 116 -2.45 -19.49 4.97
C GLY B 116 -2.93 -18.26 4.19
N ASN B 117 -4.18 -17.86 4.44
CA ASN B 117 -4.70 -16.60 3.93
C ASN B 117 -5.58 -15.91 4.97
N SER B 118 -5.32 -16.16 6.25
CA SER B 118 -6.05 -15.53 7.35
C SER B 118 -5.25 -15.70 8.63
N ALA B 119 -5.07 -14.61 9.38
CA ALA B 119 -4.26 -14.63 10.59
C ALA B 119 -5.09 -14.26 11.81
N THR B 120 -4.92 -15.02 12.88
CA THR B 120 -5.56 -14.67 14.15
C THR B 120 -5.12 -13.29 14.60
N GLU B 121 -6.04 -12.55 15.22
CA GLU B 121 -5.69 -11.24 15.75
C GLU B 121 -4.57 -11.32 16.79
N GLU B 122 -4.52 -12.42 17.55
CA GLU B 122 -3.46 -12.60 18.52
C GLU B 122 -2.09 -12.72 17.85
N GLU B 123 -2.03 -13.45 16.73
CA GLU B 123 -0.78 -13.56 15.99
C GLU B 123 -0.40 -12.21 15.38
N ILE B 124 -1.39 -11.45 14.92
CA ILE B 124 -1.14 -10.13 14.37
C ILE B 124 -0.56 -9.22 15.44
N TRP B 125 -1.10 -9.27 16.66
CA TRP B 125 -0.58 -8.44 17.73
C TRP B 125 0.80 -8.90 18.17
N LYS B 126 1.03 -10.21 18.18
CA LYS B 126 2.39 -10.71 18.45
C LYS B 126 3.38 -10.16 17.42
N PHE B 127 2.98 -10.10 16.15
CA PHE B 127 3.85 -9.50 15.15
C PHE B 127 4.04 -8.00 15.39
N MET B 128 2.96 -7.30 15.72
CA MET B 128 3.05 -5.86 15.99
C MET B 128 3.96 -5.56 17.18
N ASN B 129 4.09 -6.52 18.11
CA ASN B 129 4.87 -6.27 19.32
C ASN B 129 6.36 -6.17 19.01
N VAL B 130 6.89 -7.08 18.19
CA VAL B 130 8.31 -7.05 17.86
C VAL B 130 8.67 -5.78 17.11
N LEU B 131 7.69 -5.14 16.46
CA LEU B 131 7.88 -3.82 15.88
C LEU B 131 7.80 -2.71 16.90
N GLY B 132 7.32 -2.99 18.11
CA GLY B 132 7.14 -1.97 19.12
C GLY B 132 5.77 -1.31 19.15
N ALA B 133 4.80 -1.87 18.43
CA ALA B 133 3.46 -1.32 18.39
C ALA B 133 2.56 -2.13 19.31
N TYR B 134 1.86 -1.44 20.21
CA TYR B 134 1.08 -2.09 21.25
C TYR B 134 -0.30 -1.48 21.32
N ASP B 135 -1.27 -2.32 21.71
CA ASP B 135 -2.67 -1.90 21.77
C ASP B 135 -2.83 -0.68 22.66
N GLY B 136 -3.46 0.36 22.11
CA GLY B 136 -3.67 1.59 22.85
C GLY B 136 -2.44 2.46 23.03
N GLU B 137 -1.35 2.14 22.34
CA GLU B 137 -0.09 2.88 22.49
C GLU B 137 0.15 3.72 21.25
N GLU B 138 0.57 4.97 21.46
CA GLU B 138 0.86 5.89 20.35
C GLU B 138 2.23 5.54 19.81
N HIS B 139 2.25 4.72 18.75
CA HIS B 139 3.50 4.35 18.11
C HIS B 139 4.15 5.58 17.47
N LEU B 140 5.48 5.54 17.39
CA LEU B 140 6.22 6.71 16.93
C LEU B 140 5.86 7.10 15.50
N ILE B 141 5.56 6.13 14.65
CA ILE B 141 5.21 6.36 13.26
C ILE B 141 3.76 5.95 12.96
N TYR B 142 3.35 4.78 13.44
CA TYR B 142 2.04 4.24 13.11
C TYR B 142 0.92 4.93 13.86
N GLY B 143 1.21 5.59 14.97
CA GLY B 143 0.14 6.02 15.85
C GLY B 143 -0.45 4.81 16.58
N GLU B 144 -1.65 5.00 17.11
CA GLU B 144 -2.32 3.91 17.79
C GLU B 144 -2.59 2.78 16.79
N PRO B 145 -2.09 1.56 17.04
CA PRO B 145 -2.15 0.54 15.99
C PRO B 145 -3.53 -0.08 15.79
N ARG B 146 -4.32 -0.24 16.86
CA ARG B 146 -5.63 -0.86 16.70
C ARG B 146 -6.52 -0.04 15.78
N LYS B 147 -6.61 1.27 16.04
CA LYS B 147 -7.41 2.14 15.19
C LYS B 147 -6.89 2.16 13.76
N PHE B 148 -5.58 1.96 13.56
CA PHE B 148 -5.05 2.03 12.21
C PHE B 148 -5.32 0.74 11.43
N ILE B 149 -5.24 -0.42 12.07
CA ILE B 149 -5.34 -1.66 11.32
C ILE B 149 -6.77 -2.22 11.28
N THR B 150 -7.60 -1.92 12.28
CA THR B 150 -8.98 -2.39 12.24
C THR B 150 -9.95 -1.36 11.69
N GLN B 151 -9.50 -0.12 11.48
CA GLN B 151 -10.34 0.91 10.87
C GLN B 151 -9.75 1.39 9.56
N ASP B 152 -8.60 2.07 9.59
CA ASP B 152 -8.08 2.73 8.40
C ASP B 152 -7.83 1.73 7.26
N LEU B 153 -7.00 0.71 7.52
CA LEU B 153 -6.70 -0.27 6.48
C LEU B 153 -7.92 -1.09 6.09
N VAL B 154 -8.95 -1.12 6.93
CA VAL B 154 -10.19 -1.78 6.56
C VAL B 154 -11.04 -0.87 5.68
N GLN B 155 -11.18 0.40 6.07
CA GLN B 155 -11.92 1.36 5.25
C GLN B 155 -11.32 1.48 3.86
N GLU B 156 -9.99 1.40 3.75
CA GLU B 156 -9.30 1.53 2.48
C GLU B 156 -9.33 0.26 1.64
N LYS B 157 -9.95 -0.81 2.13
CA LYS B 157 -10.08 -2.10 1.46
C LYS B 157 -8.76 -2.85 1.35
N TYR B 158 -7.74 -2.43 2.09
CA TYR B 158 -6.48 -3.18 2.12
C TYR B 158 -6.56 -4.42 3.00
N LEU B 159 -7.44 -4.42 4.01
CA LEU B 159 -7.57 -5.55 4.92
C LEU B 159 -9.03 -5.80 5.24
N LYS B 160 -9.31 -7.00 5.72
CA LYS B 160 -10.61 -7.36 6.28
C LYS B 160 -10.40 -7.90 7.68
N TYR B 161 -11.34 -7.55 8.56
CA TYR B 161 -11.22 -7.84 9.99
C TYR B 161 -12.55 -8.42 10.45
N GLU B 162 -12.64 -9.75 10.48
CA GLU B 162 -13.92 -10.41 10.70
C GLU B 162 -13.82 -11.38 11.87
N GLN B 163 -14.96 -11.93 12.28
CA GLN B 163 -14.99 -12.84 13.41
C GLN B 163 -15.08 -14.29 12.96
N PRO B 170 -15.98 -15.29 20.52
CA PRO B 170 -15.79 -13.93 20.00
C PRO B 170 -14.33 -13.63 19.72
N ARG B 171 -13.82 -14.19 18.62
CA ARG B 171 -12.45 -14.00 18.19
C ARG B 171 -12.44 -13.49 16.76
N TYR B 172 -11.47 -12.62 16.45
CA TYR B 172 -11.38 -12.00 15.15
C TYR B 172 -10.08 -12.37 14.46
N GLN B 173 -10.09 -12.24 13.13
CA GLN B 173 -8.97 -12.56 12.28
C GLN B 173 -8.89 -11.57 11.13
N PHE B 174 -7.67 -11.38 10.64
CA PHE B 174 -7.35 -10.49 9.53
C PHE B 174 -7.17 -11.28 8.26
N LEU B 175 -7.62 -10.69 7.15
CA LEU B 175 -7.45 -11.27 5.82
C LEU B 175 -7.11 -10.15 4.85
N TRP B 176 -6.61 -10.54 3.68
CA TRP B 176 -6.40 -9.58 2.61
C TRP B 176 -7.70 -8.87 2.25
N GLY B 177 -7.58 -7.61 1.86
CA GLY B 177 -8.70 -6.87 1.32
C GLY B 177 -8.64 -6.82 -0.19
N PRO B 178 -9.73 -6.41 -0.84
CA PRO B 178 -9.72 -6.33 -2.31
C PRO B 178 -8.67 -5.38 -2.87
N ARG B 179 -8.40 -4.26 -2.20
CA ARG B 179 -7.31 -3.38 -2.62
C ARG B 179 -5.98 -4.12 -2.61
N ALA B 180 -5.77 -4.97 -1.61
CA ALA B 180 -4.54 -5.75 -1.56
C ALA B 180 -4.45 -6.71 -2.74
N TYR B 181 -5.55 -7.41 -3.06
CA TYR B 181 -5.55 -8.32 -4.20
C TYR B 181 -5.32 -7.59 -5.51
N ALA B 182 -5.77 -6.33 -5.60
CA ALA B 182 -5.60 -5.59 -6.85
C ALA B 182 -4.22 -4.97 -6.99
N GLU B 183 -3.63 -4.48 -5.90
CA GLU B 183 -2.42 -3.67 -6.01
C GLU B 183 -1.11 -4.42 -5.81
N THR B 184 -1.17 -5.64 -5.27
CA THR B 184 0.04 -6.47 -5.17
C THR B 184 -0.29 -7.90 -5.59
N THR B 185 0.64 -8.82 -5.38
CA THR B 185 0.41 -10.22 -5.71
C THR B 185 0.84 -11.09 -4.53
N LYS B 186 0.49 -12.37 -4.60
CA LYS B 186 1.01 -13.31 -3.61
C LYS B 186 2.51 -13.51 -3.77
N MET B 187 3.04 -13.36 -4.99
CA MET B 187 4.46 -13.57 -5.20
C MET B 187 5.27 -12.40 -4.67
N LYS B 188 4.81 -11.16 -4.89
CA LYS B 188 5.53 -10.00 -4.37
C LYS B 188 5.52 -9.99 -2.83
N VAL B 189 4.37 -10.29 -2.25
CA VAL B 189 4.28 -10.34 -0.80
C VAL B 189 5.07 -11.52 -0.25
N LEU B 190 5.22 -12.59 -1.02
CA LEU B 190 6.08 -13.68 -0.59
C LEU B 190 7.55 -13.28 -0.63
N GLU B 191 7.94 -12.51 -1.66
CA GLU B 191 9.30 -11.97 -1.71
C GLU B 191 9.59 -11.12 -0.49
N PHE B 192 8.67 -10.21 -0.16
CA PHE B 192 8.84 -9.39 1.04
C PHE B 192 8.89 -10.25 2.29
N LEU B 193 7.91 -11.16 2.44
CA LEU B 193 7.81 -12.00 3.63
C LEU B 193 9.05 -12.84 3.84
N ALA B 194 9.71 -13.26 2.76
CA ALA B 194 10.94 -14.01 2.89
C ALA B 194 12.13 -13.11 3.17
N LYS B 195 12.16 -11.91 2.58
CA LYS B 195 13.32 -11.02 2.72
C LYS B 195 13.66 -10.76 4.18
N MET B 196 12.67 -10.71 5.06
CA MET B 196 12.90 -10.70 6.50
C MET B 196 12.47 -12.04 7.08
N ASN B 197 13.25 -12.55 8.03
CA ASN B 197 13.06 -13.89 8.58
C ASN B 197 13.07 -14.93 7.45
N GLY B 198 14.18 -14.95 6.72
CA GLY B 198 14.34 -15.85 5.59
C GLY B 198 15.39 -15.32 4.64
N ALA B 199 15.23 -15.66 3.36
CA ALA B 199 16.17 -15.25 2.34
C ALA B 199 15.54 -15.28 0.95
N THR B 200 15.00 -16.43 0.56
CA THR B 200 14.42 -16.63 -0.75
C THR B 200 12.98 -17.11 -0.63
N PRO B 201 12.16 -16.91 -1.66
CA PRO B 201 10.79 -17.44 -1.62
C PRO B 201 10.72 -18.96 -1.67
N ARG B 202 11.77 -19.63 -2.17
CA ARG B 202 11.73 -21.08 -2.31
C ARG B 202 11.75 -21.80 -0.96
N ASP B 203 12.20 -21.14 0.10
CA ASP B 203 12.21 -21.75 1.42
C ASP B 203 10.82 -22.09 1.93
N PHE B 204 9.78 -21.56 1.29
CA PHE B 204 8.40 -21.87 1.64
C PHE B 204 7.79 -22.66 0.50
N PRO B 205 7.80 -24.00 0.56
CA PRO B 205 7.41 -24.81 -0.60
C PRO B 205 5.97 -24.59 -1.03
N SER B 206 5.04 -24.82 -0.11
CA SER B 206 3.63 -24.63 -0.40
C SER B 206 3.34 -23.18 -0.80
N HIS B 207 3.99 -22.22 -0.14
CA HIS B 207 3.74 -20.82 -0.44
C HIS B 207 4.26 -20.44 -1.83
N TYR B 208 5.45 -20.93 -2.20
CA TYR B 208 5.97 -20.65 -3.53
C TYR B 208 5.10 -21.29 -4.60
N GLU B 209 4.64 -22.52 -4.35
CA GLU B 209 3.72 -23.17 -5.28
C GLU B 209 2.43 -22.36 -5.43
N GLU B 210 1.89 -21.85 -4.32
CA GLU B 210 0.66 -21.07 -4.39
C GLU B 210 0.88 -19.76 -5.14
N ALA B 211 2.04 -19.13 -4.94
CA ALA B 211 2.34 -17.90 -5.67
C ALA B 211 2.50 -18.18 -7.16
N LEU B 212 3.10 -19.30 -7.52
CA LEU B 212 3.18 -19.68 -8.94
C LEU B 212 1.80 -19.85 -9.53
N ARG B 213 0.92 -20.57 -8.81
CA ARG B 213 -0.44 -20.76 -9.29
C ARG B 213 -1.18 -19.43 -9.39
N ASP B 214 -0.91 -18.51 -8.46
CA ASP B 214 -1.55 -17.20 -8.50
C ASP B 214 -1.08 -16.40 -9.71
N GLU B 215 0.23 -16.49 -10.03
CA GLU B 215 0.74 -15.83 -11.23
C GLU B 215 0.11 -16.41 -12.48
N GLU B 216 -0.04 -17.73 -12.54
CA GLU B 216 -0.68 -18.35 -13.71
C GLU B 216 -2.14 -17.92 -13.83
N GLU B 217 -2.85 -17.84 -12.70
CA GLU B 217 -4.25 -17.40 -12.74
C GLU B 217 -4.37 -15.95 -13.19
N ARG B 218 -3.47 -15.09 -12.71
CA ARG B 218 -3.54 -13.68 -13.10
C ARG B 218 -3.26 -13.48 -14.58
N ALA B 219 -2.34 -14.26 -15.14
CA ALA B 219 -1.98 -14.11 -16.55
C ALA B 219 -3.14 -14.38 -17.49
N GLN B 220 -4.16 -15.11 -17.04
CA GLN B 220 -5.33 -15.38 -17.87
C GLN B 220 -6.15 -14.11 -18.08
#